data_4COW
#
_entry.id   4COW
#
_cell.length_a   41.350
_cell.length_b   61.100
_cell.length_c   106.610
_cell.angle_alpha   90.00
_cell.angle_beta   90.00
_cell.angle_gamma   90.00
#
_symmetry.space_group_name_H-M   'P 21 21 21'
#
loop_
_entity.id
_entity.type
_entity.pdbx_description
1 polymer 'EPITHELIAL ADHESIN 6'
2 branched beta-D-galactopyranose-(1-3)-2-acetamido-2-deoxy-beta-D-galactopyranose
3 non-polymer 'CALCIUM ION'
4 non-polymer 'ACETATE ION'
5 non-polymer GLYCEROL
6 water water
#
_entity_poly.entity_id   1
_entity_poly.type   'polypeptide(L)'
_entity_poly.pdbx_seq_one_letter_code
;MGSSHHHHHHSSGLVPRGSHMKDDYSSSLSNNNLGWTDPTEFPLGCSPNVTTPKNGLSMELYSYDYLKSGSNPCWDAAYL
DPNYPRTGYKSHRLLAKVENVAGNINFYYHAPMGCTSLFDTLPQAYNYRTPLTMTNFTMLLYGYFKPKVTGYHTFTISAD
DLLFVNFGAGNAFDCCKRESSADDFGNYQAYAVWGSQTAKDDLTVHLDAGLYYPIRIFFNNRDNDGALSLTLKTESDPNP
VIDFSDYFYSFDDTKDGCPGLVSYDTS
;
_entity_poly.pdbx_strand_id   A
#
# COMPACT_ATOMS: atom_id res chain seq x y z
N THR A 40 -2.56 17.02 -5.54
CA THR A 40 -3.71 17.12 -4.57
C THR A 40 -3.20 17.32 -3.13
N GLU A 41 -2.88 18.58 -2.81
CA GLU A 41 -2.33 18.96 -1.52
C GLU A 41 -3.39 18.85 -0.44
N PHE A 42 -4.66 18.99 -0.83
CA PHE A 42 -5.77 18.85 0.11
C PHE A 42 -6.67 17.66 -0.24
N PRO A 43 -6.20 16.43 0.07
CA PRO A 43 -6.96 15.24 -0.30
C PRO A 43 -8.27 15.12 0.48
N LEU A 44 -9.24 14.42 -0.10
CA LEU A 44 -10.55 14.28 0.54
C LEU A 44 -10.55 13.13 1.53
N GLY A 45 -11.14 13.37 2.70
CA GLY A 45 -11.26 12.34 3.72
C GLY A 45 -12.70 11.89 3.88
N CYS A 46 -12.93 10.97 4.80
CA CYS A 46 -14.23 10.34 4.97
C CYS A 46 -14.63 10.33 6.43
N SER A 47 -15.93 10.35 6.67
CA SER A 47 -16.48 10.42 8.03
C SER A 47 -17.42 9.24 8.25
N PRO A 48 -16.85 8.06 8.52
CA PRO A 48 -17.70 6.86 8.66
C PRO A 48 -18.63 6.94 9.85
N ASN A 49 -18.25 7.71 10.86
CA ASN A 49 -19.05 7.80 12.08
C ASN A 49 -19.46 6.39 12.56
N VAL A 50 -18.47 5.50 12.61
CA VAL A 50 -18.65 4.14 13.11
C VAL A 50 -18.34 4.13 14.60
N THR A 51 -19.14 3.37 15.36
CA THR A 51 -18.94 3.22 16.80
C THR A 51 -17.47 2.95 17.15
N THR A 52 -16.95 1.78 16.78
CA THR A 52 -15.56 1.41 17.10
C THR A 52 -14.88 0.89 15.84
N PRO A 53 -14.08 1.76 15.16
CA PRO A 53 -13.42 1.38 13.88
C PRO A 53 -12.49 0.20 14.00
N LYS A 54 -12.36 -0.56 12.92
CA LYS A 54 -11.52 -1.76 12.88
C LYS A 54 -10.06 -1.39 12.65
N ASN A 55 -9.16 -1.93 13.47
CA ASN A 55 -7.74 -1.56 13.38
C ASN A 55 -7.08 -2.24 12.17
N GLY A 56 -6.23 -1.49 11.48
CA GLY A 56 -5.37 -2.05 10.43
C GLY A 56 -5.96 -2.00 9.04
N LEU A 57 -5.09 -2.26 8.07
CA LEU A 57 -5.47 -2.34 6.68
C LEU A 57 -5.84 -3.78 6.32
N SER A 58 -6.41 -3.95 5.11
CA SER A 58 -6.61 -5.25 4.52
C SER A 58 -5.42 -5.48 3.58
N MET A 59 -5.02 -6.74 3.45
CA MET A 59 -3.93 -7.10 2.52
CA MET A 59 -3.97 -7.05 2.48
C MET A 59 -4.34 -8.28 1.63
N GLU A 60 -3.94 -8.22 0.37
CA GLU A 60 -4.07 -9.37 -0.52
C GLU A 60 -2.72 -9.69 -1.13
N LEU A 61 -2.30 -10.96 -1.02
CA LEU A 61 -1.04 -11.40 -1.61
C LEU A 61 -1.28 -12.21 -2.88
N TYR A 62 -0.38 -12.07 -3.86
CA TYR A 62 -0.50 -12.77 -5.16
C TYR A 62 0.84 -13.29 -5.58
N SER A 63 0.83 -14.41 -6.30
CA SER A 63 2.05 -14.93 -6.90
C SER A 63 2.63 -13.90 -7.87
N TYR A 64 3.95 -13.93 -8.01
CA TYR A 64 4.63 -13.24 -9.09
C TYR A 64 5.72 -14.16 -9.64
N ASP A 65 5.34 -15.18 -10.41
CA ASP A 65 6.30 -16.19 -10.88
C ASP A 65 7.38 -15.64 -11.82
N TYR A 66 8.53 -16.30 -11.79
CA TYR A 66 9.59 -16.06 -12.72
C TYR A 66 9.14 -16.59 -14.08
N LEU A 67 9.76 -16.05 -15.11
CA LEU A 67 9.63 -16.61 -16.44
C LEU A 67 10.24 -17.99 -16.49
N LYS A 68 9.90 -18.75 -17.54
CA LYS A 68 10.48 -20.06 -17.74
C LYS A 68 11.96 -20.03 -17.52
N SER A 69 12.47 -21.12 -16.96
CA SER A 69 13.83 -21.21 -16.46
C SER A 69 14.93 -21.07 -17.53
N GLY A 70 14.59 -20.65 -18.75
CA GLY A 70 15.59 -20.22 -19.72
C GLY A 70 15.24 -18.88 -20.39
N SER A 71 14.50 -18.03 -19.68
CA SER A 71 14.04 -16.79 -20.29
C SER A 71 15.03 -15.66 -20.04
N ASN A 72 14.99 -14.65 -20.91
CA ASN A 72 15.82 -13.48 -20.69
C ASN A 72 15.13 -12.12 -20.78
N PRO A 73 15.20 -11.33 -19.70
CA PRO A 73 15.79 -11.65 -18.38
C PRO A 73 14.99 -12.74 -17.67
N CYS A 74 15.38 -13.07 -16.45
CA CYS A 74 14.73 -14.17 -15.73
C CYS A 74 13.38 -13.78 -15.13
N TRP A 75 13.16 -12.49 -14.92
CA TRP A 75 11.96 -12.02 -14.21
C TRP A 75 10.88 -11.60 -15.18
N ASP A 76 9.64 -11.67 -14.69
CA ASP A 76 8.46 -11.28 -15.43
C ASP A 76 8.41 -9.76 -15.41
N ALA A 77 8.22 -9.15 -16.58
CA ALA A 77 8.16 -7.71 -16.68
C ALA A 77 6.75 -7.16 -16.52
N ALA A 78 5.74 -8.01 -16.25
CA ALA A 78 4.36 -7.51 -16.15
C ALA A 78 4.21 -6.38 -15.16
N TYR A 79 5.05 -6.37 -14.11
CA TYR A 79 4.88 -5.43 -13.03
C TYR A 79 5.01 -4.00 -13.50
N LEU A 80 5.63 -3.78 -14.66
CA LEU A 80 5.76 -2.46 -15.23
C LEU A 80 4.60 -2.09 -16.16
N ASP A 81 3.72 -3.06 -16.50
CA ASP A 81 2.58 -2.71 -17.35
CA ASP A 81 2.55 -2.72 -17.31
C ASP A 81 1.64 -1.77 -16.57
N PRO A 82 1.12 -0.72 -17.26
CA PRO A 82 0.28 0.23 -16.54
C PRO A 82 -0.91 -0.38 -15.81
N ASN A 83 -1.48 -1.46 -16.34
CA ASN A 83 -2.63 -2.08 -15.72
C ASN A 83 -2.32 -3.27 -14.84
N TYR A 84 -1.05 -3.60 -14.66
CA TYR A 84 -0.74 -4.69 -13.76
C TYR A 84 -1.29 -4.42 -12.34
N PRO A 85 -1.14 -3.18 -11.84
CA PRO A 85 -1.66 -2.91 -10.49
C PRO A 85 -3.18 -2.74 -10.39
N ARG A 86 -3.87 -2.74 -11.51
CA ARG A 86 -5.30 -2.51 -11.56
C ARG A 86 -6.03 -3.81 -11.89
N THR A 87 -5.72 -4.40 -13.05
CA THR A 87 -6.35 -5.63 -13.50
C THR A 87 -5.40 -6.85 -13.46
N GLY A 88 -4.12 -6.63 -13.75
CA GLY A 88 -3.21 -7.69 -14.10
C GLY A 88 -2.88 -8.66 -12.99
N TYR A 89 -2.70 -8.13 -11.79
CA TYR A 89 -2.35 -8.99 -10.65
C TYR A 89 -3.41 -10.09 -10.42
N LYS A 90 -4.65 -9.81 -10.82
CA LYS A 90 -5.75 -10.79 -10.68
C LYS A 90 -5.58 -12.05 -11.53
N SER A 91 -4.71 -11.99 -12.54
CA SER A 91 -4.41 -13.17 -13.37
C SER A 91 -3.38 -14.06 -12.70
N HIS A 92 -2.75 -13.59 -11.62
CA HIS A 92 -1.82 -14.42 -10.85
C HIS A 92 -2.55 -15.19 -9.75
N ARG A 93 -1.88 -16.11 -9.06
CA ARG A 93 -2.54 -16.88 -8.01
C ARG A 93 -2.73 -16.04 -6.75
N LEU A 94 -3.96 -15.99 -6.25
CA LEU A 94 -4.24 -15.48 -4.92
C LEU A 94 -3.56 -16.35 -3.87
N LEU A 95 -2.75 -15.73 -3.02
CA LEU A 95 -2.12 -16.45 -1.92
C LEU A 95 -2.91 -16.32 -0.64
N ALA A 96 -3.47 -15.13 -0.40
CA ALA A 96 -4.22 -14.84 0.83
C ALA A 96 -4.83 -13.43 0.82
N LYS A 97 -5.99 -13.37 1.46
CA LYS A 97 -6.63 -12.13 1.84
C LYS A 97 -6.55 -12.11 3.35
N VAL A 98 -5.99 -11.03 3.89
CA VAL A 98 -5.70 -10.90 5.31
C VAL A 98 -6.25 -9.56 5.81
N GLU A 99 -6.62 -9.51 7.08
CA GLU A 99 -7.15 -8.29 7.66
C GLU A 99 -6.29 -7.88 8.85
N ASN A 100 -6.57 -6.69 9.36
CA ASN A 100 -5.91 -6.14 10.54
C ASN A 100 -4.39 -5.93 10.41
N VAL A 101 -3.95 -5.46 9.26
CA VAL A 101 -2.53 -5.15 9.05
C VAL A 101 -2.21 -3.80 9.69
N ALA A 102 -1.51 -3.83 10.81
CA ALA A 102 -1.14 -2.61 11.51
C ALA A 102 0.23 -2.77 12.16
N GLY A 103 0.98 -1.69 12.22
CA GLY A 103 2.32 -1.75 12.80
C GLY A 103 3.33 -1.14 11.87
N ASN A 104 4.57 -1.59 12.02
CA ASN A 104 5.64 -1.20 11.15
C ASN A 104 5.68 -2.19 9.97
N ILE A 105 5.32 -1.71 8.77
CA ILE A 105 5.20 -2.60 7.60
C ILE A 105 6.46 -2.62 6.73
N ASN A 106 7.50 -1.96 7.22
CA ASN A 106 8.73 -1.80 6.47
C ASN A 106 9.62 -3.02 6.60
N PHE A 107 10.28 -3.36 5.51
CA PHE A 107 11.21 -4.47 5.56
C PHE A 107 12.23 -4.38 4.46
N TYR A 108 13.33 -5.08 4.69
CA TYR A 108 14.31 -5.34 3.66
C TYR A 108 14.61 -6.84 3.69
N TYR A 109 14.48 -7.49 2.53
CA TYR A 109 14.77 -8.91 2.40
C TYR A 109 15.94 -9.07 1.44
N HIS A 110 17.03 -9.63 1.96
CA HIS A 110 18.21 -9.89 1.14
C HIS A 110 18.13 -11.32 0.62
N ALA A 111 17.94 -11.45 -0.69
CA ALA A 111 17.86 -12.76 -1.31
C ALA A 111 19.23 -13.43 -1.30
N PRO A 112 19.30 -14.70 -0.86
CA PRO A 112 20.52 -15.50 -0.96
C PRO A 112 21.13 -15.50 -2.36
N MET A 113 20.28 -15.63 -3.37
CA MET A 113 20.73 -15.50 -4.76
C MET A 113 19.59 -14.99 -5.64
N GLY A 114 20.01 -14.41 -6.77
CA GLY A 114 19.10 -13.84 -7.75
C GLY A 114 18.58 -14.88 -8.73
N CYS A 115 17.52 -14.50 -9.45
CA CYS A 115 16.89 -15.34 -10.44
C CYS A 115 16.46 -16.70 -9.84
N THR A 116 16.12 -16.69 -8.56
CA THR A 116 15.80 -17.89 -7.83
C THR A 116 14.66 -17.58 -6.88
N SER A 117 13.61 -18.38 -6.96
CA SER A 117 12.46 -18.20 -6.11
C SER A 117 12.72 -18.84 -4.74
N LEU A 118 12.80 -18.00 -3.71
CA LEU A 118 13.19 -18.49 -2.38
C LEU A 118 12.17 -18.04 -1.36
N PHE A 119 12.03 -18.82 -0.29
CA PHE A 119 10.95 -18.63 0.67
C PHE A 119 11.42 -18.06 2.00
N ASP A 120 10.67 -17.10 2.52
CA ASP A 120 10.96 -16.47 3.79
C ASP A 120 9.66 -15.76 4.27
N THR A 121 9.74 -15.05 5.38
CA THR A 121 8.55 -14.51 6.03
C THR A 121 8.49 -12.99 6.07
N LEU A 122 7.27 -12.47 6.06
CA LEU A 122 7.03 -11.05 6.20
C LEU A 122 7.16 -10.66 7.69
N PRO A 123 7.32 -9.35 7.97
CA PRO A 123 7.27 -8.91 9.35
C PRO A 123 5.90 -9.16 9.97
N GLN A 124 5.90 -9.30 11.29
CA GLN A 124 4.73 -9.58 12.10
C GLN A 124 3.48 -8.72 11.79
N ALA A 125 3.67 -7.43 11.54
CA ALA A 125 2.54 -6.52 11.24
C ALA A 125 1.61 -7.02 10.13
N TYR A 126 2.16 -7.84 9.24
CA TYR A 126 1.40 -8.30 8.09
C TYR A 126 0.38 -9.37 8.41
N ASN A 127 0.47 -9.96 9.59
CA ASN A 127 -0.50 -10.96 10.01
CA ASN A 127 -0.49 -11.00 10.00
C ASN A 127 -0.46 -12.19 9.08
N TYR A 128 0.72 -12.51 8.58
CA TYR A 128 0.90 -13.58 7.64
C TYR A 128 2.19 -14.26 8.00
N ARG A 129 2.05 -15.42 8.66
CA ARG A 129 3.15 -16.04 9.37
C ARG A 129 3.90 -17.07 8.56
N THR A 130 3.27 -17.61 7.51
CA THR A 130 3.87 -18.73 6.77
C THR A 130 4.83 -18.21 5.69
N PRO A 131 5.83 -19.04 5.34
CA PRO A 131 6.79 -18.61 4.36
C PRO A 131 6.14 -18.42 2.99
N LEU A 132 6.58 -17.38 2.29
CA LEU A 132 6.16 -17.11 0.94
C LEU A 132 7.39 -16.78 0.10
N THR A 133 7.19 -16.63 -1.22
CA THR A 133 8.27 -16.28 -2.14
C THR A 133 8.67 -14.80 -2.04
N MET A 134 9.53 -14.49 -1.07
CA MET A 134 9.92 -13.12 -0.78
C MET A 134 10.76 -12.50 -1.90
N THR A 135 11.36 -13.37 -2.71
CA THR A 135 12.12 -12.96 -3.89
C THR A 135 11.24 -12.44 -5.01
N ASN A 136 9.97 -12.87 -5.03
CA ASN A 136 9.09 -12.57 -6.15
C ASN A 136 7.62 -12.68 -5.76
N PHE A 137 6.99 -11.55 -5.55
CA PHE A 137 5.59 -11.56 -5.17
C PHE A 137 4.94 -10.21 -5.32
N THR A 138 3.62 -10.23 -5.24
CA THR A 138 2.80 -9.04 -5.44
C THR A 138 1.97 -8.88 -4.17
N MET A 139 1.82 -7.63 -3.72
CA MET A 139 1.11 -7.37 -2.50
C MET A 139 0.32 -6.06 -2.58
N LEU A 140 -0.94 -6.13 -2.17
CA LEU A 140 -1.84 -4.98 -2.18
C LEU A 140 -2.34 -4.72 -0.78
N LEU A 141 -2.29 -3.47 -0.36
CA LEU A 141 -2.86 -3.09 0.93
C LEU A 141 -3.87 -1.99 0.70
N TYR A 142 -4.98 -2.02 1.43
CA TYR A 142 -5.97 -0.94 1.34
C TYR A 142 -6.73 -0.72 2.63
N GLY A 143 -7.19 0.51 2.83
CA GLY A 143 -8.00 0.89 3.97
C GLY A 143 -7.97 2.39 4.09
N TYR A 144 -7.85 2.86 5.32
CA TYR A 144 -7.93 4.26 5.63
C TYR A 144 -6.81 4.70 6.57
N PHE A 145 -6.27 5.89 6.31
CA PHE A 145 -5.31 6.53 7.19
C PHE A 145 -6.01 7.60 8.04
N LYS A 146 -5.83 7.52 9.36
CA LYS A 146 -6.36 8.46 10.33
C LYS A 146 -5.21 9.27 10.95
N PRO A 147 -5.18 10.58 10.70
CA PRO A 147 -4.15 11.39 11.36
C PRO A 147 -4.40 11.55 12.87
N LYS A 148 -3.32 11.65 13.64
CA LYS A 148 -3.41 11.95 15.05
C LYS A 148 -3.57 13.44 15.28
N VAL A 149 -2.92 14.25 14.43
CA VAL A 149 -2.84 15.70 14.59
C VAL A 149 -3.05 16.36 13.23
N THR A 150 -3.88 17.40 13.21
CA THR A 150 -4.20 18.09 11.98
C THR A 150 -2.95 18.84 11.51
N GLY A 151 -2.76 18.86 10.19
CA GLY A 151 -1.70 19.62 9.56
C GLY A 151 -1.03 18.86 8.44
N TYR A 152 0.14 19.34 8.03
CA TYR A 152 0.87 18.78 6.90
C TYR A 152 1.57 17.49 7.28
N HIS A 153 1.39 16.49 6.44
CA HIS A 153 1.98 15.18 6.59
C HIS A 153 2.78 14.87 5.34
N THR A 154 4.02 14.43 5.51
CA THR A 154 4.85 13.95 4.43
C THR A 154 5.06 12.45 4.54
N PHE A 155 4.48 11.71 3.60
CA PHE A 155 4.72 10.29 3.47
C PHE A 155 5.88 10.09 2.51
N THR A 156 6.93 9.41 2.96
CA THR A 156 8.04 9.07 2.09
C THR A 156 8.07 7.56 1.85
N ILE A 157 8.34 7.18 0.59
CA ILE A 157 8.41 5.78 0.20
C ILE A 157 9.67 5.46 -0.58
N SER A 158 10.09 4.20 -0.44
CA SER A 158 11.13 3.66 -1.25
C SER A 158 10.89 2.17 -1.35
N ALA A 159 11.36 1.55 -2.44
CA ALA A 159 10.95 0.18 -2.72
C ALA A 159 11.88 -0.56 -3.67
N ASP A 160 11.95 -1.87 -3.47
CA ASP A 160 12.56 -2.81 -4.40
C ASP A 160 11.53 -3.92 -4.49
N ASP A 161 10.72 -3.98 -5.55
CA ASP A 161 10.92 -3.27 -6.82
C ASP A 161 9.97 -2.16 -7.06
N LEU A 162 8.80 -2.19 -6.43
CA LEU A 162 7.79 -1.23 -6.80
C LEU A 162 6.82 -0.99 -5.67
N LEU A 163 6.45 0.28 -5.54
CA LEU A 163 5.47 0.69 -4.55
C LEU A 163 4.71 1.87 -5.11
N PHE A 164 3.42 1.67 -5.30
CA PHE A 164 2.57 2.71 -5.84
C PHE A 164 1.54 3.01 -4.78
N VAL A 165 1.36 4.30 -4.46
CA VAL A 165 0.42 4.71 -3.41
C VAL A 165 -0.60 5.69 -3.96
N ASN A 166 -1.87 5.36 -3.72
CA ASN A 166 -2.98 6.30 -3.89
C ASN A 166 -3.47 6.73 -2.52
N PHE A 167 -3.92 7.97 -2.45
CA PHE A 167 -4.29 8.58 -1.18
C PHE A 167 -5.43 9.57 -1.40
N GLY A 168 -6.48 9.47 -0.60
CA GLY A 168 -7.60 10.38 -0.65
C GLY A 168 -8.81 9.73 -1.31
N ALA A 169 -10.00 10.20 -0.93
CA ALA A 169 -11.25 9.74 -1.54
C ALA A 169 -11.25 10.10 -3.01
N GLY A 170 -11.79 9.19 -3.82
CA GLY A 170 -11.70 9.32 -5.28
C GLY A 170 -10.39 8.70 -5.73
N ASN A 171 -9.27 9.38 -5.43
CA ASN A 171 -7.97 8.92 -5.86
C ASN A 171 -7.65 7.46 -5.51
N ALA A 172 -7.84 7.06 -4.25
CA ALA A 172 -7.70 5.66 -3.86
C ALA A 172 -9.03 4.94 -4.09
N PHE A 173 -10.05 5.36 -3.36
CA PHE A 173 -11.39 4.83 -3.53
C PHE A 173 -12.39 5.70 -2.79
N ASP A 174 -13.67 5.47 -3.05
CA ASP A 174 -14.71 6.34 -2.53
C ASP A 174 -15.05 5.96 -1.08
N CYS A 175 -15.49 6.97 -0.32
CA CYS A 175 -15.75 6.84 1.11
C CYS A 175 -16.84 5.82 1.37
N CYS A 176 -16.52 4.75 2.10
CA CYS A 176 -17.47 3.70 2.43
C CYS A 176 -18.14 3.13 1.17
N LYS A 177 -17.40 3.18 0.08
CA LYS A 177 -17.81 2.57 -1.18
C LYS A 177 -16.56 2.01 -1.87
N ARG A 178 -15.73 1.33 -1.09
CA ARG A 178 -14.49 0.76 -1.60
C ARG A 178 -14.77 -0.30 -2.68
N GLU A 179 -15.61 -1.27 -2.36
CA GLU A 179 -15.88 -2.39 -3.28
C GLU A 179 -16.30 -1.89 -4.68
N SER A 180 -17.25 -0.98 -4.75
CA SER A 180 -17.73 -0.47 -6.03
C SER A 180 -16.81 0.57 -6.70
N SER A 181 -15.69 0.91 -6.07
CA SER A 181 -14.70 1.76 -6.73
C SER A 181 -13.29 1.17 -6.68
N ALA A 182 -13.18 -0.12 -6.35
CA ALA A 182 -11.89 -0.74 -6.05
C ALA A 182 -10.87 -0.60 -7.18
N ASP A 183 -11.30 -0.75 -8.43
CA ASP A 183 -10.36 -0.73 -9.57
C ASP A 183 -10.26 0.64 -10.24
N ASP A 184 -10.85 1.67 -9.64
CA ASP A 184 -10.99 2.98 -10.28
C ASP A 184 -10.04 4.06 -9.76
N PHE A 185 -9.00 3.65 -9.05
CA PHE A 185 -8.00 4.56 -8.51
C PHE A 185 -7.30 5.41 -9.58
N GLY A 186 -7.04 6.66 -9.23
CA GLY A 186 -6.43 7.62 -10.14
C GLY A 186 -4.91 7.61 -10.17
N ASN A 187 -4.35 8.76 -10.56
CA ASN A 187 -2.92 8.96 -10.66
C ASN A 187 -2.28 8.75 -9.33
N TYR A 188 -1.14 8.07 -9.32
CA TYR A 188 -0.46 7.75 -8.08
C TYR A 188 0.03 9.03 -7.40
N GLN A 189 -0.17 9.07 -6.09
CA GLN A 189 0.21 10.23 -5.31
C GLN A 189 1.65 10.06 -4.91
N ALA A 190 2.12 8.82 -4.89
CA ALA A 190 3.54 8.55 -4.84
C ALA A 190 3.85 7.23 -5.53
N TYR A 191 5.02 7.15 -6.14
CA TYR A 191 5.42 5.94 -6.83
C TYR A 191 6.93 5.84 -6.82
N ALA A 192 7.39 4.61 -6.66
CA ALA A 192 8.80 4.34 -6.55
C ALA A 192 9.04 3.04 -7.29
N VAL A 193 10.00 3.05 -8.18
CA VAL A 193 10.38 1.86 -8.88
C VAL A 193 11.91 1.68 -8.83
N TRP A 194 12.34 0.55 -8.29
CA TRP A 194 13.76 0.21 -8.24
C TRP A 194 14.36 0.34 -9.63
N GLY A 195 15.49 1.04 -9.69
CA GLY A 195 16.31 1.08 -10.90
C GLY A 195 15.90 2.18 -11.84
N SER A 196 14.87 2.93 -11.51
CA SER A 196 14.41 4.03 -12.36
C SER A 196 14.87 5.36 -11.78
N GLN A 197 14.71 6.42 -12.56
CA GLN A 197 15.03 7.78 -12.10
C GLN A 197 13.97 8.35 -11.17
N THR A 198 13.11 7.50 -10.62
CA THR A 198 12.30 7.82 -9.43
C THR A 198 12.15 6.53 -8.56
N ALA A 199 13.22 6.27 -7.79
CA ALA A 199 13.35 5.09 -6.91
C ALA A 199 12.87 5.38 -5.48
N LYS A 200 12.57 6.66 -5.24
CA LYS A 200 12.01 7.17 -3.99
C LYS A 200 11.06 8.33 -4.35
N ASP A 201 10.05 8.54 -3.51
CA ASP A 201 9.06 9.57 -3.75
C ASP A 201 8.47 9.95 -2.41
N ASP A 202 7.83 11.11 -2.37
CA ASP A 202 7.06 11.51 -1.23
C ASP A 202 5.82 12.25 -1.63
N LEU A 203 4.96 12.44 -0.63
CA LEU A 203 3.66 13.06 -0.80
C LEU A 203 3.44 13.93 0.40
N THR A 204 3.28 15.24 0.17
CA THR A 204 3.03 16.15 1.24
C THR A 204 1.61 16.63 1.12
N VAL A 205 0.83 16.33 2.15
CA VAL A 205 -0.60 16.66 2.15
C VAL A 205 -1.00 17.24 3.49
N HIS A 206 -1.94 18.18 3.42
CA HIS A 206 -2.57 18.71 4.60
C HIS A 206 -3.75 17.79 4.97
N LEU A 207 -3.70 17.24 6.19
CA LEU A 207 -4.71 16.32 6.70
C LEU A 207 -5.37 16.81 7.99
N ASP A 208 -6.66 16.51 8.13
CA ASP A 208 -7.41 16.72 9.36
C ASP A 208 -7.56 15.45 10.19
N ALA A 209 -7.17 15.57 11.47
CA ALA A 209 -7.28 14.50 12.46
C ALA A 209 -8.68 13.94 12.60
N GLY A 210 -9.68 14.71 12.18
CA GLY A 210 -11.07 14.28 12.29
C GLY A 210 -11.54 13.34 11.20
N LEU A 211 -10.72 13.12 10.17
CA LEU A 211 -11.09 12.31 9.01
C LEU A 211 -10.28 11.02 8.82
N TYR A 212 -10.90 10.06 8.14
CA TYR A 212 -10.25 8.83 7.66
C TYR A 212 -10.03 8.89 6.14
N TYR A 213 -8.77 8.74 5.72
CA TYR A 213 -8.40 8.94 4.33
C TYR A 213 -8.14 7.64 3.59
N PRO A 214 -8.93 7.38 2.53
CA PRO A 214 -8.68 6.21 1.74
C PRO A 214 -7.22 6.14 1.29
N ILE A 215 -6.64 4.95 1.43
CA ILE A 215 -5.26 4.71 1.03
C ILE A 215 -5.15 3.35 0.36
N ARG A 216 -4.29 3.29 -0.66
CA ARG A 216 -4.07 2.06 -1.38
C ARG A 216 -2.60 2.00 -1.65
N ILE A 217 -2.00 0.88 -1.24
CA ILE A 217 -0.56 0.63 -1.40
C ILE A 217 -0.35 -0.65 -2.20
N PHE A 218 0.33 -0.54 -3.34
CA PHE A 218 0.59 -1.68 -4.22
C PHE A 218 2.10 -1.92 -4.31
N PHE A 219 2.51 -3.14 -3.98
CA PHE A 219 3.92 -3.51 -3.96
C PHE A 219 4.22 -4.68 -4.89
N ASN A 220 5.43 -4.69 -5.46
CA ASN A 220 5.89 -5.84 -6.20
C ASN A 220 7.36 -6.05 -6.00
N ASN A 221 7.76 -7.31 -5.83
CA ASN A 221 9.15 -7.70 -5.97
C ASN A 221 9.20 -8.69 -7.13
N ARG A 222 10.04 -8.38 -8.10
CA ARG A 222 10.13 -9.16 -9.33
C ARG A 222 11.17 -10.25 -9.24
N ASP A 223 12.15 -10.09 -8.34
CA ASP A 223 13.35 -10.92 -8.35
C ASP A 223 14.21 -10.47 -7.18
N ASN A 224 14.94 -11.41 -6.59
CA ASN A 224 16.06 -11.06 -5.69
C ASN A 224 15.59 -10.25 -4.47
N ASP A 225 16.32 -9.21 -4.11
CA ASP A 225 15.98 -8.45 -2.90
C ASP A 225 14.63 -7.79 -2.99
N GLY A 226 14.00 -7.68 -1.83
CA GLY A 226 12.72 -7.01 -1.71
C GLY A 226 12.80 -5.97 -0.63
N ALA A 227 12.17 -4.83 -0.84
CA ALA A 227 12.16 -3.83 0.21
C ALA A 227 10.99 -2.89 0.10
N LEU A 228 10.52 -2.47 1.28
CA LEU A 228 9.38 -1.58 1.41
C LEU A 228 9.64 -0.64 2.58
N SER A 229 9.64 0.66 2.30
CA SER A 229 9.75 1.66 3.33
C SER A 229 8.64 2.66 3.14
N LEU A 230 7.81 2.82 4.17
CA LEU A 230 6.86 3.90 4.30
C LEU A 230 7.17 4.62 5.62
N THR A 231 7.44 5.91 5.55
CA THR A 231 7.59 6.71 6.77
C THR A 231 6.72 7.94 6.68
N LEU A 232 6.43 8.52 7.84
CA LEU A 232 5.61 9.72 7.91
C LEU A 232 6.32 10.79 8.73
N LYS A 233 6.29 12.00 8.21
CA LYS A 233 6.90 13.17 8.85
C LYS A 233 5.79 14.23 9.00
N THR A 234 5.59 14.73 10.23
CA THR A 234 4.63 15.81 10.48
C THR A 234 5.41 17.05 10.92
N GLU A 235 4.76 18.22 10.83
CA GLU A 235 5.47 19.48 11.03
C GLU A 235 6.05 19.68 12.43
N SER A 236 5.39 19.13 13.43
CA SER A 236 5.79 19.34 14.83
C SER A 236 6.72 18.23 15.31
N ASP A 237 6.27 16.97 15.19
CA ASP A 237 7.07 15.79 15.57
C ASP A 237 8.44 15.84 14.89
N PRO A 238 9.53 15.67 15.66
CA PRO A 238 10.88 15.79 15.08
C PRO A 238 11.23 14.69 14.08
N ASN A 239 11.06 13.43 14.47
CA ASN A 239 11.53 12.30 13.65
C ASN A 239 10.42 11.58 12.87
N PRO A 240 10.79 10.81 11.82
CA PRO A 240 9.81 10.06 11.04
C PRO A 240 9.05 8.99 11.84
N VAL A 241 7.75 8.88 11.58
CA VAL A 241 6.95 7.80 12.14
C VAL A 241 7.04 6.60 11.19
N ILE A 242 7.36 5.44 11.74
CA ILE A 242 7.46 4.19 11.00
C ILE A 242 6.52 3.11 11.51
N ASP A 243 5.97 3.28 12.71
CA ASP A 243 5.01 2.35 13.25
C ASP A 243 3.61 2.92 13.05
N PHE A 244 2.83 2.34 12.14
CA PHE A 244 1.49 2.86 11.86
C PHE A 244 0.34 2.18 12.63
N SER A 245 0.66 1.55 13.76
CA SER A 245 -0.34 0.83 14.55
C SER A 245 -1.63 1.63 14.81
N ASP A 246 -1.48 2.90 15.14
CA ASP A 246 -2.61 3.75 15.52
C ASP A 246 -3.21 4.56 14.37
N TYR A 247 -2.70 4.35 13.16
CA TYR A 247 -3.06 5.21 12.06
C TYR A 247 -3.84 4.48 10.96
N PHE A 248 -3.80 3.16 10.93
CA PHE A 248 -4.47 2.40 9.87
C PHE A 248 -5.77 1.80 10.40
N TYR A 249 -6.85 1.96 9.61
CA TYR A 249 -8.19 1.48 9.93
C TYR A 249 -8.91 0.85 8.72
N SER A 250 -9.92 0.03 9.02
CA SER A 250 -10.80 -0.56 8.00
C SER A 250 -12.25 -0.25 8.39
N PHE A 251 -13.08 0.04 7.39
CA PHE A 251 -14.50 0.34 7.57
C PHE A 251 -15.28 -0.41 6.51
N ASP A 252 -16.45 -0.91 6.90
CA ASP A 252 -17.37 -1.47 5.95
C ASP A 252 -17.95 -0.40 5.03
N ASP A 253 -18.29 -0.82 3.82
CA ASP A 253 -18.99 0.03 2.88
C ASP A 253 -20.41 0.21 3.36
N THR A 254 -20.99 1.35 3.03
CA THR A 254 -22.39 1.62 3.34
C THR A 254 -23.09 2.00 2.04
N LYS A 255 -24.41 1.85 2.02
CA LYS A 255 -25.22 2.18 0.85
C LYS A 255 -25.05 3.64 0.44
N ASP A 256 -25.07 4.53 1.42
CA ASP A 256 -24.97 5.97 1.16
C ASP A 256 -23.55 6.49 1.02
N GLY A 257 -22.55 5.73 1.46
CA GLY A 257 -21.18 6.22 1.51
C GLY A 257 -21.03 7.15 2.70
N CYS A 258 -19.82 7.63 2.94
CA CYS A 258 -19.54 8.38 4.16
C CYS A 258 -18.60 9.54 3.88
N PRO A 259 -19.04 10.50 3.06
CA PRO A 259 -18.17 11.60 2.67
C PRO A 259 -17.71 12.46 3.86
N GLY A 260 -16.52 13.03 3.75
CA GLY A 260 -15.92 13.79 4.85
C GLY A 260 -16.74 15.00 5.24
N LEU A 261 -16.79 15.27 6.56
CA LEU A 261 -17.60 16.36 7.10
C LEU A 261 -16.72 17.50 7.68
N VAL A 262 -15.47 17.53 7.22
CA VAL A 262 -14.57 18.64 7.44
C VAL A 262 -14.22 19.18 6.05
N SER A 263 -14.35 20.49 5.87
CA SER A 263 -14.10 21.15 4.58
C SER A 263 -13.61 22.60 4.79
N TYR A 264 -12.72 23.08 3.91
CA TYR A 264 -12.07 24.37 4.12
C TYR A 264 -12.25 25.39 2.97
N ASP A 265 -13.24 25.17 2.11
CA ASP A 265 -13.47 26.07 0.97
C ASP A 265 -14.06 27.40 1.43
#